data_1AUA
#
_entry.id   1AUA
#
_cell.length_a   88.971
_cell.length_b   88.971
_cell.length_c   111.339
_cell.angle_alpha   90.00
_cell.angle_beta   90.00
_cell.angle_gamma   120.00
#
_symmetry.space_group_name_H-M   'P 32 2 1'
#
loop_
_entity.id
_entity.type
_entity.pdbx_description
1 polymer 'PHOSPHATIDYLINOSITOL TRANSFER PROTEIN SEC14P'
2 non-polymer 'octyl beta-D-glucopyranoside'
3 water water
#
_entity_poly.entity_id   1
_entity_poly.type   'polypeptide(L)'
_entity_poly.pdbx_seq_one_letter_code
;QQEKEFLESYPQNCPPDALPGTPGNLDSAQEKALAELRKLLEDAGFIERLDDSTLLRFLRARKFDVQLAKEMFENCEKWR
KDYGTDTILQDFHYDEKPLIAKFYPQYYHKTDKDGRPVYFEELGAVNLHEMNKVTSEERMLKNLVWEYESVVQYRLPACS
RAAGHLVETSCTIMDLKGISISSAYSVMSYVREASYISQNYYPERMGKFYIINAPFGFSTAFRLFKPFLDPVTVSKIFIL
GSSYQKELLKQIPAENLPVKFGGKSEVDESKGGLYLSDIGPWRDPKYIGPEGEAPE
;
_entity_poly.pdbx_strand_id   A
#
loop_
_chem_comp.id
_chem_comp.type
_chem_comp.name
_chem_comp.formula
BOG D-saccharide 'octyl beta-D-glucopyranoside' 'C14 H28 O6'
#
# COMPACT_ATOMS: atom_id res chain seq x y z
N GLN A 1 5.60 -5.12 -27.09
CA GLN A 1 6.69 -4.61 -26.21
C GLN A 1 6.25 -3.51 -25.23
N GLN A 2 5.35 -3.84 -24.30
CA GLN A 2 4.91 -2.85 -23.32
C GLN A 2 4.96 -3.36 -21.88
N GLU A 3 4.29 -4.48 -21.59
CA GLU A 3 4.34 -5.02 -20.23
C GLU A 3 5.70 -5.67 -20.02
N LYS A 4 6.13 -6.43 -21.03
CA LYS A 4 7.42 -7.10 -20.96
C LYS A 4 8.52 -6.06 -20.79
N GLU A 5 8.42 -4.98 -21.57
CA GLU A 5 9.39 -3.89 -21.51
C GLU A 5 9.42 -3.27 -20.10
N PHE A 6 8.24 -3.13 -19.50
CA PHE A 6 8.10 -2.55 -18.16
C PHE A 6 8.73 -3.44 -17.07
N LEU A 7 8.38 -4.73 -17.09
CA LEU A 7 8.88 -5.69 -16.11
C LEU A 7 10.39 -5.81 -16.03
N GLU A 8 11.08 -5.68 -17.15
CA GLU A 8 12.53 -5.79 -17.13
C GLU A 8 13.25 -4.45 -16.97
N SER A 9 12.48 -3.40 -16.65
CA SER A 9 13.06 -2.06 -16.46
C SER A 9 13.41 -1.81 -14.98
N TYR A 10 13.10 -2.77 -14.12
CA TYR A 10 13.40 -2.68 -12.68
C TYR A 10 13.63 -4.07 -12.08
N PRO A 11 14.47 -4.18 -11.04
CA PRO A 11 14.78 -5.47 -10.37
C PRO A 11 13.54 -6.29 -10.05
N GLN A 12 13.62 -7.60 -10.27
CA GLN A 12 12.49 -8.49 -10.04
C GLN A 12 12.65 -9.58 -8.98
N ASN A 13 13.72 -9.51 -8.20
CA ASN A 13 13.95 -10.51 -7.14
C ASN A 13 13.96 -9.85 -5.76
N CYS A 14 13.10 -10.33 -4.86
CA CYS A 14 13.05 -9.80 -3.50
C CYS A 14 14.37 -10.12 -2.79
N PRO A 15 14.70 -9.42 -1.69
CA PRO A 15 15.96 -9.72 -0.99
C PRO A 15 15.97 -11.17 -0.47
N PRO A 16 17.15 -11.79 -0.42
CA PRO A 16 17.38 -13.18 0.04
C PRO A 16 16.76 -13.57 1.38
N ASP A 17 16.77 -12.66 2.34
CA ASP A 17 16.22 -12.93 3.66
C ASP A 17 14.71 -12.68 3.79
N ALA A 18 14.05 -12.43 2.66
CA ALA A 18 12.60 -12.18 2.66
C ALA A 18 11.80 -13.46 2.90
N LEU A 19 10.52 -13.28 3.20
CA LEU A 19 9.60 -14.38 3.47
C LEU A 19 9.54 -15.32 2.25
N PRO A 20 9.56 -16.64 2.48
CA PRO A 20 9.50 -17.61 1.37
C PRO A 20 8.22 -17.47 0.54
N GLY A 21 8.32 -17.76 -0.76
CA GLY A 21 7.17 -17.64 -1.64
C GLY A 21 7.17 -16.33 -2.42
N THR A 22 8.06 -15.43 -2.03
CA THR A 22 8.20 -14.13 -2.70
C THR A 22 9.10 -14.36 -3.92
N PRO A 23 8.94 -13.55 -4.98
CA PRO A 23 9.73 -13.68 -6.22
C PRO A 23 11.24 -13.79 -6.00
N GLY A 24 11.82 -14.85 -6.58
CA GLY A 24 13.25 -15.08 -6.45
C GLY A 24 13.61 -15.90 -5.23
N ASN A 25 12.62 -16.26 -4.42
CA ASN A 25 12.84 -17.06 -3.21
C ASN A 25 11.91 -18.27 -3.19
N LEU A 26 11.03 -18.36 -4.17
CA LEU A 26 10.10 -19.48 -4.27
C LEU A 26 10.87 -20.67 -4.79
N ASP A 27 10.75 -21.80 -4.09
CA ASP A 27 11.44 -23.01 -4.49
C ASP A 27 10.66 -24.22 -4.00
N SER A 28 10.38 -24.23 -2.71
CA SER A 28 9.66 -25.32 -2.04
C SER A 28 8.31 -25.68 -2.70
N ALA A 29 8.38 -26.42 -3.80
CA ALA A 29 7.20 -26.88 -4.55
C ALA A 29 6.31 -25.76 -5.09
N GLN A 30 6.47 -24.55 -4.57
CA GLN A 30 5.68 -23.39 -4.97
C GLN A 30 5.98 -22.90 -6.38
N GLU A 31 7.11 -23.32 -6.93
CA GLU A 31 7.49 -22.95 -8.28
C GLU A 31 6.49 -23.62 -9.21
N LYS A 32 6.17 -24.87 -8.87
CA LYS A 32 5.23 -25.70 -9.63
C LYS A 32 3.83 -25.16 -9.43
N ALA A 33 3.58 -24.58 -8.26
CA ALA A 33 2.28 -23.99 -7.95
C ALA A 33 2.09 -22.75 -8.81
N LEU A 34 3.18 -21.97 -8.97
CA LEU A 34 3.17 -20.75 -9.78
C LEU A 34 2.93 -21.20 -11.22
N ALA A 35 3.81 -22.10 -11.70
CA ALA A 35 3.73 -22.65 -13.05
C ALA A 35 2.59 -23.65 -13.14
N GLU A 36 1.37 -23.14 -12.99
CA GLU A 36 0.15 -23.94 -13.03
C GLU A 36 -0.97 -22.91 -13.04
N LEU A 37 -0.85 -21.91 -12.15
CA LEU A 37 -1.82 -20.83 -12.05
C LEU A 37 -1.78 -20.06 -13.37
N ARG A 38 -0.58 -19.95 -13.95
CA ARG A 38 -0.40 -19.23 -15.22
C ARG A 38 -1.03 -19.98 -16.39
N LYS A 39 -0.92 -21.31 -16.36
CA LYS A 39 -1.48 -22.14 -17.43
C LYS A 39 -3.01 -22.01 -17.47
N LEU A 40 -3.63 -22.24 -16.31
CA LEU A 40 -5.09 -22.14 -16.17
C LEU A 40 -5.64 -20.79 -16.64
N LEU A 41 -4.97 -19.71 -16.24
CA LEU A 41 -5.38 -18.35 -16.59
C LEU A 41 -5.12 -18.01 -18.07
N GLU A 42 -4.14 -18.67 -18.68
CA GLU A 42 -3.84 -18.44 -20.09
C GLU A 42 -4.93 -19.07 -20.95
N ASP A 43 -5.42 -20.23 -20.51
CA ASP A 43 -6.48 -20.95 -21.21
C ASP A 43 -7.81 -20.24 -20.99
N ALA A 44 -7.98 -19.63 -19.82
CA ALA A 44 -9.21 -18.92 -19.48
C ALA A 44 -9.37 -17.59 -20.21
N GLY A 45 -8.43 -17.28 -21.10
CA GLY A 45 -8.49 -16.05 -21.87
C GLY A 45 -7.69 -14.86 -21.37
N PHE A 46 -7.15 -14.96 -20.15
CA PHE A 46 -6.36 -13.87 -19.56
C PHE A 46 -4.99 -13.69 -20.22
N ILE A 47 -4.60 -12.43 -20.41
CA ILE A 47 -3.33 -12.11 -21.04
C ILE A 47 -2.38 -11.28 -20.16
N GLU A 48 -2.93 -10.29 -19.45
CA GLU A 48 -2.13 -9.43 -18.60
C GLU A 48 -2.04 -9.88 -17.14
N ARG A 49 -1.16 -9.21 -16.40
CA ARG A 49 -0.94 -9.48 -14.98
C ARG A 49 -0.70 -10.95 -14.65
N LEU A 50 0.19 -11.58 -15.43
CA LEU A 50 0.54 -12.98 -15.23
C LEU A 50 1.98 -13.15 -14.81
N ASP A 51 2.65 -12.04 -14.50
CA ASP A 51 4.05 -12.05 -14.08
C ASP A 51 4.24 -12.75 -12.72
N ASP A 52 5.48 -13.19 -12.47
CA ASP A 52 5.82 -13.89 -11.23
C ASP A 52 5.33 -13.15 -9.99
N SER A 53 5.61 -11.86 -9.89
CA SER A 53 5.20 -11.07 -8.73
C SER A 53 3.69 -11.10 -8.48
N THR A 54 2.90 -10.93 -9.53
CA THR A 54 1.44 -10.92 -9.40
C THR A 54 0.85 -12.22 -8.87
N LEU A 55 0.95 -13.28 -9.67
CA LEU A 55 0.41 -14.58 -9.30
C LEU A 55 0.94 -15.09 -7.97
N LEU A 56 2.20 -14.78 -7.68
CA LEU A 56 2.80 -15.22 -6.42
C LEU A 56 2.13 -14.57 -5.23
N ARG A 57 1.69 -13.33 -5.38
CA ARG A 57 1.01 -12.64 -4.29
C ARG A 57 -0.38 -13.22 -4.10
N PHE A 58 -0.97 -13.69 -5.20
CA PHE A 58 -2.29 -14.30 -5.17
C PHE A 58 -2.17 -15.69 -4.55
N LEU A 59 -1.08 -16.38 -4.85
CA LEU A 59 -0.83 -17.70 -4.29
C LEU A 59 -0.51 -17.56 -2.80
N ARG A 60 0.18 -16.49 -2.44
CA ARG A 60 0.55 -16.26 -1.04
C ARG A 60 -0.63 -15.90 -0.14
N ALA A 61 -1.59 -15.17 -0.68
CA ALA A 61 -2.78 -14.77 0.08
C ALA A 61 -3.68 -15.98 0.34
N ARG A 62 -3.60 -16.98 -0.54
CA ARG A 62 -4.41 -18.18 -0.42
C ARG A 62 -3.60 -19.44 -0.12
N LYS A 63 -2.59 -19.31 0.72
CA LYS A 63 -1.73 -20.42 1.16
C LYS A 63 -1.13 -21.34 0.08
N PHE A 64 -1.12 -20.85 -1.16
CA PHE A 64 -0.61 -21.60 -2.31
C PHE A 64 -1.56 -22.65 -2.87
N ASP A 65 -2.85 -22.42 -2.67
CA ASP A 65 -3.89 -23.30 -3.18
C ASP A 65 -4.17 -22.75 -4.57
N VAL A 66 -3.55 -23.35 -5.58
CA VAL A 66 -3.71 -22.91 -6.96
C VAL A 66 -5.16 -22.73 -7.37
N GLN A 67 -6.04 -23.52 -6.77
CA GLN A 67 -7.47 -23.45 -7.08
C GLN A 67 -8.07 -22.11 -6.63
N LEU A 68 -7.85 -21.76 -5.37
CA LEU A 68 -8.36 -20.51 -4.79
C LEU A 68 -7.69 -19.27 -5.39
N ALA A 69 -6.48 -19.44 -5.92
CA ALA A 69 -5.74 -18.36 -6.54
C ALA A 69 -6.42 -17.94 -7.84
N LYS A 70 -6.94 -18.91 -8.59
CA LYS A 70 -7.64 -18.65 -9.84
C LYS A 70 -8.95 -17.90 -9.55
N GLU A 71 -9.63 -18.32 -8.48
CA GLU A 71 -10.88 -17.69 -8.07
C GLU A 71 -10.59 -16.24 -7.72
N MET A 72 -9.66 -16.03 -6.79
CA MET A 72 -9.28 -14.69 -6.35
C MET A 72 -8.81 -13.83 -7.53
N PHE A 73 -8.09 -14.46 -8.46
CA PHE A 73 -7.58 -13.77 -9.63
C PHE A 73 -8.69 -13.32 -10.59
N GLU A 74 -9.57 -14.24 -10.97
CA GLU A 74 -10.67 -13.89 -11.87
C GLU A 74 -11.58 -12.83 -11.26
N ASN A 75 -11.91 -13.00 -9.99
CA ASN A 75 -12.79 -12.09 -9.25
C ASN A 75 -12.23 -10.66 -9.22
N CYS A 76 -10.90 -10.56 -9.18
CA CYS A 76 -10.23 -9.25 -9.17
C CYS A 76 -10.28 -8.66 -10.57
N GLU A 77 -10.15 -9.52 -11.58
CA GLU A 77 -10.20 -9.10 -12.97
C GLU A 77 -11.62 -8.65 -13.32
N LYS A 78 -12.60 -9.29 -12.67
CA LYS A 78 -14.01 -8.93 -12.85
C LYS A 78 -14.19 -7.51 -12.33
N TRP A 79 -13.71 -7.27 -11.11
CA TRP A 79 -13.80 -5.98 -10.45
C TRP A 79 -13.17 -4.80 -11.21
N ARG A 80 -11.97 -5.01 -11.76
CA ARG A 80 -11.25 -3.95 -12.51
C ARG A 80 -12.05 -3.49 -13.75
N LYS A 81 -12.79 -4.42 -14.33
CA LYS A 81 -13.60 -4.15 -15.53
C LYS A 81 -14.81 -3.31 -15.15
N ASP A 82 -15.54 -3.74 -14.12
CA ASP A 82 -16.73 -3.02 -13.64
C ASP A 82 -16.39 -1.59 -13.18
N TYR A 83 -15.49 -1.51 -12.19
CA TYR A 83 -15.06 -0.26 -11.59
C TYR A 83 -14.31 0.73 -12.50
N GLY A 84 -13.76 0.23 -13.61
CA GLY A 84 -13.04 1.11 -14.53
C GLY A 84 -11.69 1.51 -13.95
N THR A 85 -11.05 0.57 -13.26
CA THR A 85 -9.75 0.77 -12.63
C THR A 85 -8.66 0.99 -13.66
N ASP A 86 -8.71 0.19 -14.73
CA ASP A 86 -7.71 0.24 -15.81
C ASP A 86 -7.52 1.63 -16.41
N THR A 87 -8.53 2.47 -16.28
CA THR A 87 -8.47 3.82 -16.79
C THR A 87 -8.64 4.86 -15.68
N ILE A 88 -8.46 4.44 -14.43
CA ILE A 88 -8.62 5.36 -13.29
C ILE A 88 -7.55 6.46 -13.22
N LEU A 89 -6.33 6.17 -13.66
CA LEU A 89 -5.25 7.16 -13.63
C LEU A 89 -5.51 8.36 -14.55
N GLN A 90 -6.34 8.15 -15.57
CA GLN A 90 -6.67 9.21 -16.52
C GLN A 90 -8.15 9.64 -16.55
N ASP A 91 -9.03 8.85 -15.90
CA ASP A 91 -10.47 9.15 -15.84
C ASP A 91 -10.82 10.02 -14.63
N PHE A 92 -10.23 9.70 -13.48
CA PHE A 92 -10.51 10.39 -12.22
C PHE A 92 -9.59 11.55 -11.82
N HIS A 93 -10.22 12.63 -11.38
CA HIS A 93 -9.53 13.83 -10.93
C HIS A 93 -10.06 14.20 -9.56
N TYR A 94 -9.21 14.06 -8.55
CA TYR A 94 -9.59 14.39 -7.17
C TYR A 94 -9.28 15.86 -6.93
N ASP A 95 -9.87 16.71 -7.76
CA ASP A 95 -9.65 18.15 -7.68
C ASP A 95 -10.06 18.79 -6.34
N GLU A 96 -10.81 18.04 -5.52
CA GLU A 96 -11.25 18.53 -4.21
C GLU A 96 -10.17 18.32 -3.15
N LYS A 97 -9.14 17.56 -3.50
CA LYS A 97 -8.07 17.24 -2.57
C LYS A 97 -7.54 18.39 -1.71
N PRO A 98 -7.12 19.52 -2.32
CA PRO A 98 -6.61 20.63 -1.52
C PRO A 98 -7.60 21.14 -0.47
N LEU A 99 -8.88 21.03 -0.80
CA LEU A 99 -9.96 21.48 0.08
C LEU A 99 -10.25 20.55 1.26
N ILE A 100 -10.23 19.24 1.02
CA ILE A 100 -10.53 18.26 2.05
C ILE A 100 -9.36 17.51 2.71
N ALA A 101 -8.15 17.66 2.16
CA ALA A 101 -6.96 16.99 2.70
C ALA A 101 -6.78 17.15 4.20
N LYS A 102 -7.03 18.35 4.71
CA LYS A 102 -6.86 18.64 6.13
C LYS A 102 -7.83 17.91 7.06
N PHE A 103 -8.91 17.35 6.51
CA PHE A 103 -9.91 16.64 7.32
C PHE A 103 -9.70 15.13 7.32
N TYR A 104 -8.84 14.66 6.45
CA TYR A 104 -8.51 13.25 6.36
C TYR A 104 -7.26 13.21 5.49
N PRO A 105 -6.11 13.55 6.10
CA PRO A 105 -4.77 13.62 5.52
C PRO A 105 -4.39 12.74 4.33
N GLN A 106 -3.99 11.50 4.54
CA GLN A 106 -3.60 10.63 3.43
C GLN A 106 -2.49 11.18 2.52
N TYR A 107 -1.30 10.61 2.63
CA TYR A 107 -0.17 11.02 1.83
C TYR A 107 1.01 10.05 1.86
N TYR A 108 1.71 9.94 0.74
CA TYR A 108 2.89 9.10 0.64
C TYR A 108 4.09 10.02 0.83
N HIS A 109 5.16 9.50 1.43
CA HIS A 109 6.35 10.30 1.65
C HIS A 109 7.60 9.44 1.80
N LYS A 110 8.47 9.50 0.80
CA LYS A 110 9.72 8.75 0.79
C LYS A 110 9.61 7.27 1.11
N THR A 111 10.70 6.68 1.60
CA THR A 111 10.75 5.25 1.88
C THR A 111 11.35 4.84 3.23
N ASP A 112 11.11 3.58 3.62
CA ASP A 112 11.65 3.04 4.85
C ASP A 112 13.00 2.39 4.52
N LYS A 113 13.66 1.77 5.50
CA LYS A 113 14.96 1.16 5.26
C LYS A 113 14.99 -0.01 4.27
N ASP A 114 13.82 -0.55 3.94
CA ASP A 114 13.72 -1.67 2.99
C ASP A 114 13.35 -1.23 1.57
N GLY A 115 13.18 0.08 1.36
CA GLY A 115 12.82 0.59 0.05
C GLY A 115 11.33 0.79 -0.18
N ARG A 116 10.50 0.37 0.77
CA ARG A 116 9.05 0.51 0.66
C ARG A 116 8.59 1.96 0.77
N PRO A 117 7.64 2.37 -0.09
CA PRO A 117 7.16 3.75 0.01
C PRO A 117 6.38 3.83 1.32
N VAL A 118 6.54 4.92 2.06
CA VAL A 118 5.81 5.03 3.31
C VAL A 118 4.49 5.78 3.13
N TYR A 119 3.39 5.17 3.57
CA TYR A 119 2.08 5.78 3.47
C TYR A 119 1.58 6.21 4.86
N PHE A 120 1.20 7.48 4.98
CA PHE A 120 0.69 8.02 6.25
C PHE A 120 -0.81 8.28 6.20
N GLU A 121 -1.53 7.89 7.26
CA GLU A 121 -2.96 8.14 7.34
C GLU A 121 -3.30 8.63 8.74
N GLU A 122 -3.61 9.92 8.84
CA GLU A 122 -3.98 10.53 10.11
C GLU A 122 -5.49 10.36 10.33
N LEU A 123 -5.88 9.12 10.62
CA LEU A 123 -7.28 8.74 10.83
C LEU A 123 -7.89 9.39 12.04
N GLY A 124 -7.07 9.61 13.07
CA GLY A 124 -7.54 10.22 14.29
C GLY A 124 -7.95 11.67 14.15
N ALA A 125 -7.56 12.30 13.04
CA ALA A 125 -7.88 13.71 12.78
C ALA A 125 -9.10 13.84 11.86
N VAL A 126 -9.55 12.73 11.31
CA VAL A 126 -10.67 12.71 10.39
C VAL A 126 -11.88 13.53 10.84
N ASN A 127 -12.49 14.20 9.87
CA ASN A 127 -13.67 15.01 10.10
C ASN A 127 -14.59 14.83 8.90
N LEU A 128 -15.35 13.75 8.95
CA LEU A 128 -16.28 13.39 7.90
C LEU A 128 -17.36 14.43 7.62
N HIS A 129 -17.89 15.03 8.69
CA HIS A 129 -18.94 16.06 8.56
C HIS A 129 -18.45 17.18 7.66
N GLU A 130 -17.29 17.73 7.99
CA GLU A 130 -16.68 18.81 7.23
C GLU A 130 -16.29 18.37 5.82
N MET A 131 -16.11 17.05 5.65
CA MET A 131 -15.76 16.48 4.35
C MET A 131 -16.96 16.22 3.45
N ASN A 132 -18.09 15.85 4.06
CA ASN A 132 -19.30 15.56 3.28
C ASN A 132 -19.89 16.78 2.59
N LYS A 133 -19.37 17.96 2.91
CA LYS A 133 -19.81 19.20 2.30
C LYS A 133 -19.26 19.29 0.88
N VAL A 134 -18.03 18.80 0.72
CA VAL A 134 -17.30 18.83 -0.54
C VAL A 134 -17.34 17.58 -1.40
N THR A 135 -16.93 16.45 -0.83
CA THR A 135 -16.89 15.19 -1.58
C THR A 135 -17.93 14.21 -1.09
N SER A 136 -17.69 12.93 -1.37
CA SER A 136 -18.58 11.83 -0.96
C SER A 136 -17.73 10.57 -0.76
N GLU A 137 -18.29 9.60 -0.04
CA GLU A 137 -17.58 8.34 0.22
C GLU A 137 -17.15 7.65 -1.06
N GLU A 138 -17.99 7.76 -2.08
CA GLU A 138 -17.71 7.14 -3.37
C GLU A 138 -16.45 7.71 -4.02
N ARG A 139 -16.28 9.03 -3.95
CA ARG A 139 -15.13 9.71 -4.52
C ARG A 139 -13.84 9.45 -3.74
N MET A 140 -13.96 9.40 -2.42
CA MET A 140 -12.81 9.12 -1.55
C MET A 140 -12.30 7.71 -1.86
N LEU A 141 -13.21 6.81 -2.20
CA LEU A 141 -12.85 5.44 -2.54
C LEU A 141 -12.20 5.40 -3.91
N LYS A 142 -12.61 6.30 -4.81
CA LYS A 142 -12.03 6.37 -6.15
C LYS A 142 -10.60 6.88 -5.99
N ASN A 143 -10.39 7.79 -5.03
CA ASN A 143 -9.05 8.34 -4.77
C ASN A 143 -8.16 7.25 -4.21
N LEU A 144 -8.73 6.37 -3.36
CA LEU A 144 -7.99 5.28 -2.75
C LEU A 144 -7.48 4.30 -3.82
N VAL A 145 -8.33 3.98 -4.80
CA VAL A 145 -7.94 3.07 -5.88
C VAL A 145 -6.99 3.77 -6.86
N TRP A 146 -7.14 5.09 -7.01
CA TRP A 146 -6.30 5.91 -7.87
C TRP A 146 -4.86 5.93 -7.32
N GLU A 147 -4.72 6.03 -6.00
CA GLU A 147 -3.43 6.02 -5.32
C GLU A 147 -2.80 4.62 -5.37
N TYR A 148 -3.64 3.59 -5.17
CA TYR A 148 -3.16 2.21 -5.23
C TYR A 148 -2.57 1.97 -6.62
N GLU A 149 -3.24 2.49 -7.65
CA GLU A 149 -2.78 2.34 -9.02
C GLU A 149 -1.49 3.11 -9.29
N SER A 150 -1.23 4.18 -8.53
CA SER A 150 0.01 4.94 -8.66
C SER A 150 1.14 4.15 -7.99
N VAL A 151 0.80 3.44 -6.92
CA VAL A 151 1.76 2.63 -6.19
C VAL A 151 2.35 1.54 -7.07
N VAL A 152 1.50 0.78 -7.74
CA VAL A 152 1.94 -0.32 -8.60
C VAL A 152 2.55 0.07 -9.95
N GLN A 153 1.92 1.03 -10.63
CA GLN A 153 2.35 1.51 -11.93
C GLN A 153 3.58 2.41 -11.91
N TYR A 154 3.69 3.27 -10.90
CA TYR A 154 4.81 4.21 -10.80
C TYR A 154 5.71 4.11 -9.58
N ARG A 155 5.12 4.19 -8.39
CA ARG A 155 5.88 4.14 -7.12
C ARG A 155 6.72 2.91 -6.86
N LEU A 156 6.12 1.72 -6.99
CA LEU A 156 6.85 0.48 -6.76
C LEU A 156 8.00 0.28 -7.73
N PRO A 157 7.75 0.45 -9.05
CA PRO A 157 8.89 0.26 -9.97
C PRO A 157 10.04 1.23 -9.68
N ALA A 158 9.73 2.47 -9.36
CA ALA A 158 10.77 3.45 -9.04
C ALA A 158 11.52 3.07 -7.77
N CYS A 159 10.79 2.60 -6.75
CA CYS A 159 11.39 2.17 -5.47
C CYS A 159 12.28 0.94 -5.63
N SER A 160 11.90 0.06 -6.54
CA SER A 160 12.67 -1.15 -6.83
C SER A 160 14.05 -0.76 -7.37
N ARG A 161 14.04 0.15 -8.34
CA ARG A 161 15.26 0.65 -8.96
C ARG A 161 16.18 1.32 -7.93
N ALA A 162 15.59 2.14 -7.05
CA ALA A 162 16.34 2.84 -6.02
C ALA A 162 16.88 1.92 -4.92
N ALA A 163 16.16 0.85 -4.62
CA ALA A 163 16.56 -0.08 -3.56
C ALA A 163 17.40 -1.25 -4.07
N GLY A 164 17.49 -1.38 -5.40
CA GLY A 164 18.27 -2.46 -5.97
C GLY A 164 17.62 -3.83 -5.96
N HIS A 165 16.44 -3.93 -5.37
CA HIS A 165 15.69 -5.18 -5.32
C HIS A 165 14.20 -4.90 -5.59
N LEU A 166 13.38 -5.95 -5.65
CA LEU A 166 11.96 -5.80 -5.95
C LEU A 166 11.16 -4.72 -5.22
N VAL A 167 10.53 -5.07 -4.11
CA VAL A 167 9.67 -4.14 -3.36
C VAL A 167 8.25 -4.20 -3.98
N GLU A 168 7.38 -5.02 -3.39
CA GLU A 168 6.01 -5.17 -3.87
C GLU A 168 5.04 -4.53 -2.88
N THR A 169 5.55 -4.24 -1.68
CA THR A 169 4.73 -3.69 -0.62
C THR A 169 5.00 -2.25 -0.23
N SER A 170 4.13 -1.71 0.64
CA SER A 170 4.26 -0.35 1.15
C SER A 170 4.36 -0.40 2.68
N CYS A 171 4.85 0.67 3.28
CA CYS A 171 4.95 0.73 4.72
C CYS A 171 3.98 1.80 5.17
N THR A 172 2.92 1.39 5.87
CA THR A 172 1.92 2.35 6.32
C THR A 172 1.96 2.74 7.80
N ILE A 173 1.70 4.02 8.06
CA ILE A 173 1.68 4.60 9.40
C ILE A 173 0.35 5.32 9.63
N MET A 174 -0.44 4.77 10.55
CA MET A 174 -1.74 5.32 10.88
C MET A 174 -1.69 5.97 12.24
N ASP A 175 -2.12 7.22 12.29
CA ASP A 175 -2.12 8.02 13.51
C ASP A 175 -3.53 8.13 14.09
N LEU A 176 -3.71 7.66 15.32
CA LEU A 176 -5.00 7.70 15.99
C LEU A 176 -5.15 8.86 16.96
N LYS A 177 -4.17 9.75 16.97
CA LYS A 177 -4.19 10.92 17.85
C LYS A 177 -5.46 11.71 17.56
N GLY A 178 -6.38 11.71 18.50
CA GLY A 178 -7.59 12.46 18.30
C GLY A 178 -8.85 11.66 18.04
N ILE A 179 -8.78 10.33 18.04
CA ILE A 179 -9.99 9.53 17.81
C ILE A 179 -10.94 9.57 18.98
N SER A 180 -12.21 9.38 18.65
CA SER A 180 -13.31 9.34 19.59
C SER A 180 -14.21 8.19 19.14
N ILE A 181 -15.11 7.78 20.01
CA ILE A 181 -16.06 6.71 19.69
C ILE A 181 -16.94 7.25 18.56
N SER A 182 -17.26 8.54 18.67
CA SER A 182 -18.07 9.27 17.71
C SER A 182 -17.50 9.19 16.29
N SER A 183 -16.30 9.74 16.11
CA SER A 183 -15.66 9.74 14.80
C SER A 183 -15.28 8.34 14.33
N ALA A 184 -15.05 7.42 15.27
CA ALA A 184 -14.73 6.05 14.92
C ALA A 184 -15.96 5.48 14.21
N TYR A 185 -17.14 5.80 14.72
CA TYR A 185 -18.39 5.32 14.11
C TYR A 185 -18.66 6.03 12.80
N SER A 186 -18.27 7.30 12.71
CA SER A 186 -18.48 8.04 11.48
C SER A 186 -17.61 7.58 10.30
N VAL A 187 -16.50 6.87 10.57
CA VAL A 187 -15.62 6.36 9.49
C VAL A 187 -15.67 4.86 9.19
N MET A 188 -16.38 4.09 10.03
CA MET A 188 -16.48 2.63 9.85
C MET A 188 -16.80 2.13 8.46
N SER A 189 -17.70 2.81 7.75
CA SER A 189 -18.09 2.40 6.41
C SER A 189 -16.96 2.55 5.41
N TYR A 190 -16.26 3.68 5.47
CA TYR A 190 -15.12 3.94 4.58
C TYR A 190 -14.00 2.95 4.87
N VAL A 191 -13.70 2.74 6.15
CA VAL A 191 -12.66 1.81 6.55
C VAL A 191 -13.01 0.38 6.16
N ARG A 192 -14.27 -0.01 6.35
CA ARG A 192 -14.71 -1.35 6.00
C ARG A 192 -14.67 -1.55 4.48
N GLU A 193 -15.03 -0.50 3.74
CA GLU A 193 -15.01 -0.56 2.27
C GLU A 193 -13.59 -0.59 1.73
N ALA A 194 -12.74 0.26 2.29
CA ALA A 194 -11.34 0.35 1.89
C ALA A 194 -10.62 -0.96 2.21
N SER A 195 -10.98 -1.58 3.33
CA SER A 195 -10.38 -2.85 3.71
C SER A 195 -10.77 -3.93 2.71
N TYR A 196 -12.01 -3.88 2.23
CA TYR A 196 -12.48 -4.85 1.26
C TYR A 196 -11.67 -4.72 -0.04
N ILE A 197 -11.51 -3.50 -0.53
CA ILE A 197 -10.77 -3.23 -1.77
C ILE A 197 -9.30 -3.69 -1.78
N SER A 198 -8.58 -3.51 -0.68
CA SER A 198 -7.17 -3.93 -0.67
C SER A 198 -6.86 -5.39 -0.45
N GLN A 199 -7.36 -6.02 0.61
CA GLN A 199 -7.02 -7.43 0.81
C GLN A 199 -7.76 -8.42 -0.09
N ASN A 200 -8.36 -7.90 -1.14
CA ASN A 200 -9.10 -8.70 -2.12
C ASN A 200 -8.58 -8.39 -3.51
N TYR A 201 -8.35 -7.11 -3.80
CA TYR A 201 -7.86 -6.67 -5.11
C TYR A 201 -6.42 -6.14 -5.10
N TYR A 202 -5.81 -6.07 -3.92
CA TYR A 202 -4.43 -5.60 -3.74
C TYR A 202 -3.79 -6.39 -2.58
N PRO A 203 -3.87 -7.73 -2.61
CA PRO A 203 -3.31 -8.57 -1.55
C PRO A 203 -1.79 -8.59 -1.54
N GLU A 204 -1.24 -8.86 -0.37
CA GLU A 204 0.20 -8.90 -0.18
C GLU A 204 0.89 -7.57 -0.49
N ARG A 205 0.12 -6.50 -0.52
CA ARG A 205 0.66 -5.18 -0.77
C ARG A 205 1.08 -4.49 0.52
N MET A 206 0.73 -5.08 1.66
CA MET A 206 1.08 -4.55 2.97
C MET A 206 2.32 -5.28 3.44
N GLY A 207 3.38 -4.53 3.73
CA GLY A 207 4.61 -5.15 4.19
C GLY A 207 4.81 -4.93 5.67
N LYS A 208 4.45 -3.73 6.11
CA LYS A 208 4.56 -3.32 7.50
C LYS A 208 3.38 -2.38 7.81
N PHE A 209 2.84 -2.50 9.03
CA PHE A 209 1.71 -1.69 9.48
C PHE A 209 1.92 -1.16 10.91
N TYR A 210 1.98 0.16 11.04
CA TYR A 210 2.17 0.82 12.34
C TYR A 210 0.99 1.69 12.74
N ILE A 211 0.49 1.47 13.95
CA ILE A 211 -0.58 2.30 14.48
C ILE A 211 0.05 3.02 15.66
N ILE A 212 0.15 4.35 15.56
CA ILE A 212 0.74 5.16 16.62
C ILE A 212 -0.33 5.96 17.36
N ASN A 213 -0.02 6.34 18.59
CA ASN A 213 -0.96 7.09 19.41
C ASN A 213 -2.27 6.34 19.59
N ALA A 214 -2.17 5.03 19.76
CA ALA A 214 -3.34 4.17 19.97
C ALA A 214 -3.78 4.36 21.41
N PRO A 215 -5.09 4.48 21.65
CA PRO A 215 -5.60 4.66 23.02
C PRO A 215 -5.33 3.42 23.89
N PHE A 216 -5.25 3.63 25.21
CA PHE A 216 -4.95 2.58 26.19
C PHE A 216 -5.69 1.24 26.06
N GLY A 217 -7.02 1.26 26.10
CA GLY A 217 -7.79 0.02 25.98
C GLY A 217 -7.43 -0.74 24.72
N PHE A 218 -7.27 -0.01 23.63
CA PHE A 218 -6.95 -0.59 22.34
C PHE A 218 -5.56 -1.20 22.34
N SER A 219 -4.58 -0.45 22.81
CA SER A 219 -3.20 -0.90 22.89
C SER A 219 -3.04 -2.10 23.82
N THR A 220 -3.82 -2.12 24.88
CA THR A 220 -3.77 -3.20 25.86
C THR A 220 -4.25 -4.52 25.29
N ALA A 221 -5.35 -4.48 24.54
CA ALA A 221 -5.90 -5.67 23.92
C ALA A 221 -4.88 -6.40 23.06
N PHE A 222 -4.09 -5.63 22.32
CA PHE A 222 -3.07 -6.19 21.45
C PHE A 222 -2.00 -6.89 22.28
N ARG A 223 -1.61 -6.28 23.40
CA ARG A 223 -0.59 -6.85 24.27
C ARG A 223 -0.98 -8.17 24.91
N LEU A 224 -2.28 -8.47 24.91
CA LEU A 224 -2.79 -9.72 25.48
C LEU A 224 -3.06 -10.80 24.41
N PHE A 225 -3.31 -10.38 23.17
CA PHE A 225 -3.56 -11.31 22.07
C PHE A 225 -2.31 -11.64 21.28
N LYS A 226 -1.21 -10.98 21.60
CA LYS A 226 0.07 -11.20 20.91
C LYS A 226 0.47 -12.67 20.80
N PRO A 227 0.48 -13.41 21.91
CA PRO A 227 0.85 -14.83 21.87
C PRO A 227 -0.11 -15.76 21.11
N PHE A 228 -1.24 -15.23 20.67
CA PHE A 228 -2.23 -16.06 19.97
C PHE A 228 -2.34 -15.76 18.48
N LEU A 229 -1.76 -14.65 18.04
CA LEU A 229 -1.77 -14.26 16.64
C LEU A 229 -0.60 -14.97 15.97
N ASP A 230 -0.76 -15.40 14.71
CA ASP A 230 0.33 -16.10 14.02
C ASP A 230 1.56 -15.23 13.89
N PRO A 231 2.74 -15.83 14.03
CA PRO A 231 4.02 -15.12 13.93
C PRO A 231 4.23 -14.36 12.63
N VAL A 232 3.47 -14.74 11.60
CA VAL A 232 3.54 -14.09 10.29
C VAL A 232 2.88 -12.72 10.32
N THR A 233 1.88 -12.55 11.18
CA THR A 233 1.14 -11.30 11.29
C THR A 233 1.72 -10.34 12.36
N VAL A 234 2.40 -10.89 13.36
CA VAL A 234 3.01 -10.05 14.39
C VAL A 234 4.30 -9.42 13.86
N SER A 235 4.78 -9.95 12.74
CA SER A 235 5.99 -9.45 12.10
C SER A 235 5.68 -8.20 11.26
N LYS A 236 4.40 -8.01 10.94
CA LYS A 236 3.94 -6.89 10.14
C LYS A 236 3.17 -5.82 10.92
N ILE A 237 2.40 -6.22 11.93
CA ILE A 237 1.61 -5.27 12.71
C ILE A 237 2.29 -4.79 13.99
N PHE A 238 2.30 -3.46 14.17
CA PHE A 238 2.89 -2.81 15.34
C PHE A 238 1.89 -1.82 15.93
N ILE A 239 1.51 -2.04 17.21
CA ILE A 239 0.57 -1.17 17.93
C ILE A 239 1.34 -0.51 19.07
N LEU A 240 1.57 0.79 18.94
CA LEU A 240 2.34 1.54 19.92
C LEU A 240 1.55 2.73 20.44
N GLY A 241 1.93 3.21 21.62
CA GLY A 241 1.25 4.33 22.24
C GLY A 241 1.79 5.68 21.83
N SER A 242 1.92 6.59 22.79
CA SER A 242 2.42 7.94 22.49
C SER A 242 3.93 8.01 22.27
N SER A 243 4.63 6.96 22.71
CA SER A 243 6.07 6.87 22.54
C SER A 243 6.32 5.94 21.36
N TYR A 244 6.43 6.52 20.16
CA TYR A 244 6.63 5.72 18.95
C TYR A 244 7.88 6.07 18.14
N GLN A 245 8.46 7.24 18.40
CA GLN A 245 9.65 7.71 17.66
C GLN A 245 10.76 6.68 17.51
N LYS A 246 11.23 6.11 18.62
CA LYS A 246 12.32 5.10 18.60
C LYS A 246 12.02 3.93 17.66
N GLU A 247 10.77 3.48 17.67
CA GLU A 247 10.32 2.37 16.82
C GLU A 247 10.30 2.75 15.36
N LEU A 248 9.75 3.92 15.08
CA LEU A 248 9.66 4.41 13.72
C LEU A 248 11.06 4.64 13.15
N LEU A 249 11.91 5.36 13.90
CA LEU A 249 13.29 5.64 13.47
C LEU A 249 14.11 4.36 13.27
N LYS A 250 13.58 3.26 13.77
CA LYS A 250 14.20 1.95 13.65
C LYS A 250 13.81 1.30 12.33
N GLN A 251 12.79 1.83 11.65
CA GLN A 251 12.33 1.27 10.38
C GLN A 251 12.47 2.23 9.22
N ILE A 252 12.35 3.53 9.51
CA ILE A 252 12.47 4.55 8.49
C ILE A 252 13.68 5.37 8.89
N PRO A 253 14.63 5.58 7.96
CA PRO A 253 15.85 6.34 8.18
C PRO A 253 15.79 7.40 9.28
N ALA A 254 15.48 8.64 8.89
CA ALA A 254 15.40 9.77 9.81
C ALA A 254 15.32 10.99 8.92
N GLU A 255 16.08 10.93 7.83
CA GLU A 255 16.10 11.97 6.82
C GLU A 255 14.89 11.73 5.90
N ASN A 256 14.24 10.58 6.10
CA ASN A 256 13.05 10.18 5.35
C ASN A 256 11.74 10.40 6.10
N LEU A 257 11.78 10.38 7.44
CA LEU A 257 10.60 10.56 8.31
C LEU A 257 10.29 12.01 8.65
N PRO A 258 9.02 12.43 8.44
CA PRO A 258 8.58 13.81 8.73
C PRO A 258 8.92 14.26 10.14
N VAL A 259 9.30 15.53 10.29
CA VAL A 259 9.66 16.07 11.60
C VAL A 259 8.58 15.83 12.65
N LYS A 260 7.31 15.90 12.25
CA LYS A 260 6.20 15.69 13.19
C LYS A 260 6.17 14.29 13.83
N PHE A 261 6.79 13.31 13.17
CA PHE A 261 6.82 11.96 13.70
C PHE A 261 8.16 11.59 14.32
N GLY A 262 8.99 12.62 14.57
CA GLY A 262 10.29 12.43 15.19
C GLY A 262 11.48 12.32 14.26
N GLY A 263 11.33 12.83 13.04
CA GLY A 263 12.41 12.78 12.07
C GLY A 263 12.94 14.12 11.61
N LYS A 264 13.63 14.12 10.47
CA LYS A 264 14.25 15.32 9.91
C LYS A 264 13.71 15.78 8.55
N SER A 265 12.80 15.01 7.95
CA SER A 265 12.24 15.35 6.64
C SER A 265 11.24 16.51 6.68
N GLU A 266 11.57 17.61 6.01
CA GLU A 266 10.69 18.77 5.98
C GLU A 266 10.26 19.14 4.58
N VAL A 267 8.96 19.32 4.41
CA VAL A 267 8.39 19.70 3.13
C VAL A 267 8.08 21.19 3.17
N ASP A 268 8.38 21.87 2.07
CA ASP A 268 8.16 23.29 1.96
C ASP A 268 6.67 23.64 2.14
N GLU A 269 6.39 24.48 3.13
CA GLU A 269 5.02 24.90 3.46
C GLU A 269 4.40 25.83 2.41
N SER A 270 5.23 26.38 1.53
CA SER A 270 4.75 27.27 0.50
C SER A 270 4.28 26.52 -0.76
N LYS A 271 4.06 25.21 -0.63
CA LYS A 271 3.60 24.37 -1.75
C LYS A 271 2.90 23.11 -1.25
N GLY A 272 2.16 23.25 -0.14
CA GLY A 272 1.46 22.12 0.44
C GLY A 272 2.39 21.16 1.14
N GLY A 273 2.68 21.45 2.40
CA GLY A 273 3.57 20.61 3.18
C GLY A 273 2.97 19.29 3.63
N LEU A 274 3.57 18.20 3.16
CA LEU A 274 3.13 16.84 3.50
C LEU A 274 1.77 16.43 2.96
N TYR A 275 0.70 17.03 3.49
CA TYR A 275 -0.66 16.67 3.09
C TYR A 275 -0.90 16.71 1.58
N LEU A 276 -0.39 17.74 0.93
CA LEU A 276 -0.56 17.93 -0.51
C LEU A 276 0.71 17.57 -1.32
N SER A 277 1.65 16.89 -0.68
CA SER A 277 2.90 16.51 -1.34
C SER A 277 2.97 15.01 -1.71
N ASP A 278 3.89 14.68 -2.61
CA ASP A 278 4.10 13.30 -3.05
C ASP A 278 5.56 13.15 -3.47
N ILE A 279 6.47 13.33 -2.52
CA ILE A 279 7.89 13.19 -2.86
C ILE A 279 8.54 11.89 -2.40
N GLY A 280 9.38 11.38 -3.28
CA GLY A 280 10.11 10.15 -3.03
C GLY A 280 10.81 9.78 -4.32
N PRO A 281 11.42 8.59 -4.39
CA PRO A 281 12.15 8.08 -5.55
C PRO A 281 11.38 8.18 -6.88
N TRP A 282 10.05 8.18 -6.79
CA TRP A 282 9.20 8.27 -7.98
C TRP A 282 9.16 9.65 -8.62
N ARG A 283 9.82 10.63 -7.99
CA ARG A 283 9.88 11.98 -8.56
C ARG A 283 11.33 12.29 -8.94
N ASP A 284 12.21 11.29 -8.80
CA ASP A 284 13.63 11.45 -9.13
C ASP A 284 13.84 10.94 -10.56
N PRO A 285 14.24 11.83 -11.49
CA PRO A 285 14.47 11.47 -12.90
C PRO A 285 15.31 10.23 -13.13
N LYS A 286 16.22 9.93 -12.21
CA LYS A 286 17.08 8.75 -12.38
C LYS A 286 16.47 7.42 -11.94
N TYR A 287 15.23 7.45 -11.43
CA TYR A 287 14.55 6.23 -11.00
C TYR A 287 13.21 6.03 -11.70
N ILE A 288 12.97 6.82 -12.74
CA ILE A 288 11.75 6.76 -13.54
C ILE A 288 12.03 5.99 -14.84
N GLY A 289 11.23 4.95 -15.11
CA GLY A 289 11.43 4.15 -16.30
C GLY A 289 10.59 4.54 -17.51
N PRO A 290 10.30 3.60 -18.43
CA PRO A 290 9.51 3.85 -19.65
C PRO A 290 8.05 4.24 -19.40
N GLU A 291 7.60 4.13 -18.14
CA GLU A 291 6.24 4.47 -17.75
C GLU A 291 6.08 5.96 -17.48
N GLY A 292 7.19 6.69 -17.52
CA GLY A 292 7.16 8.12 -17.29
C GLY A 292 6.82 8.48 -15.86
N GLU A 293 6.68 9.78 -15.60
CA GLU A 293 6.36 10.26 -14.26
C GLU A 293 4.89 10.08 -13.92
N ALA A 294 4.65 9.71 -12.67
CA ALA A 294 3.31 9.51 -12.15
C ALA A 294 2.58 10.85 -12.09
N PRO A 295 1.25 10.81 -12.12
CA PRO A 295 0.40 12.01 -12.06
C PRO A 295 0.40 12.61 -10.65
N GLU A 296 -0.23 13.77 -10.48
CA GLU A 296 -0.30 14.43 -9.17
C GLU A 296 -1.72 14.64 -8.60
C1 BOG B . -3.78 -9.12 4.56
O1 BOG B . -4.25 -8.21 5.56
C2 BOG B . -3.00 -8.29 3.58
O2 BOG B . -3.93 -7.74 2.67
C3 BOG B . -1.96 -9.02 2.75
O3 BOG B . -0.87 -8.14 2.50
C4 BOG B . -1.40 -10.33 3.32
O4 BOG B . -1.11 -11.16 2.20
C5 BOG B . -2.38 -11.03 4.24
O5 BOG B . -2.93 -10.10 5.20
C6 BOG B . -1.79 -12.17 5.08
O6 BOG B . -2.41 -13.43 4.80
C1' BOG B . -3.29 -8.01 6.59
C2' BOG B . -3.65 -7.27 7.88
C3' BOG B . -5.11 -7.01 8.15
C4' BOG B . -5.35 -5.52 8.43
C5' BOG B . -4.28 -4.99 9.42
C6' BOG B . -4.47 -5.61 10.81
C7' BOG B . -5.60 -4.97 11.57
C8' BOG B . -5.35 -3.50 11.86
C1 BOG C . -5.47 -1.09 5.57
O1 BOG C . -5.79 -0.29 6.72
C2 BOG C . -3.97 -1.37 5.53
O2 BOG C . -3.25 -0.15 5.33
C3 BOG C . -3.62 -2.37 4.41
O3 BOG C . -2.25 -2.72 4.49
C4 BOG C . -4.48 -3.61 4.56
O4 BOG C . -4.22 -4.52 3.48
C5 BOG C . -5.93 -3.16 4.55
O5 BOG C . -6.20 -2.30 5.67
C6 BOG C . -6.90 -4.30 4.63
O6 BOG C . -7.63 -4.39 3.43
C1' BOG C . -7.13 0.19 6.67
C2' BOG C . -7.98 0.19 7.94
C3' BOG C . -7.61 -0.92 8.92
C4' BOG C . -8.30 -0.72 10.26
C5' BOG C . -7.74 0.49 10.99
C6' BOG C . -8.51 0.78 12.26
C7' BOG C . -7.82 1.85 13.08
C8' BOG C . -8.58 2.17 14.35
#